data_2A7P
#
_entry.id   2A7P
#
_cell.length_a   99.4
_cell.length_b   99.4
_cell.length_c   87.6
_cell.angle_alpha   90.0
_cell.angle_beta   90.0
_cell.angle_gamma   90.0
#
_symmetry.space_group_name_H-M   'I 4'
#
loop_
_entity.id
_entity.type
_entity.pdbx_description
1 polymer '(S)-Mandelate Dehydrogenase'
2 non-polymer 'FLAVIN MONONUCLEOTIDE'
3 non-polymer '2-(N-MORPHOLINO)-ETHANESULFONIC ACID'
4 non-polymer '3-(INDOL-3-YL) LACTATE'
5 water water
#
_entity_poly.entity_id   1
_entity_poly.type   'polypeptide(L)'
_entity_poly.pdbx_seq_one_letter_code
;MSQNLFNVEDYRKLAQKRLPKMVYDYLEGGAEDEYGVKHNRDVFQQWRFKPKRLVDVSRRSLQAEVLGKRQSMPLLIGPT
ALNGALWPKGDLALARAATKAGIPFVLSTASNMSIEDLARQCDGDLWFQLYVIHREIAQGMVLKALHTGYTTLVLTTDVA
VNGYRERDLHNRFKIPPFLTLKNFEGIDLGKMDKANLEMQAALMSRQMDASFNWEALRWLRDLWPHKLLVKGLLSAEDAD
RCIAEGADGVILSNHGGRQLDCAISPMEVLAQSVAKTGKPVLIDSGFRRGSDIVKALALGAEAVLLGRATLYGLAARGET
GVDEVLTLLKADIDRTLAQIGCPDITSLSPDYLQNEGVTNTAPVDHLIGKGTHAHHHHHH
;
_entity_poly.pdbx_strand_id   A
#
loop_
_chem_comp.id
_chem_comp.type
_chem_comp.name
_chem_comp.formula
3IL non-polymer '3-(INDOL-3-YL) LACTATE' 'C11 H11 N O3'
FMN non-polymer 'FLAVIN MONONUCLEOTIDE' 'C17 H21 N4 O9 P'
MES non-polymer '2-(N-MORPHOLINO)-ETHANESULFONIC ACID' 'C6 H13 N O4 S'
#
# COMPACT_ATOMS: atom_id res chain seq x y z
N ASN A 4 -3.60 -26.07 -7.88
CA ASN A 4 -2.76 -25.39 -8.91
C ASN A 4 -2.60 -23.90 -8.59
N LEU A 5 -1.69 -23.59 -7.67
CA LEU A 5 -1.44 -22.21 -7.29
C LEU A 5 -0.02 -21.83 -7.68
N PHE A 6 0.12 -21.25 -8.88
CA PHE A 6 1.43 -20.89 -9.38
C PHE A 6 1.64 -19.39 -9.63
N ASN A 7 0.59 -18.61 -9.43
CA ASN A 7 0.69 -17.16 -9.61
C ASN A 7 -0.40 -16.48 -8.81
N VAL A 8 -0.32 -15.15 -8.73
CA VAL A 8 -1.28 -14.36 -7.98
C VAL A 8 -2.71 -14.56 -8.47
N GLU A 9 -2.87 -14.65 -9.79
CA GLU A 9 -4.18 -14.84 -10.37
C GLU A 9 -4.86 -16.12 -9.86
N ASP A 10 -4.07 -17.16 -9.65
CA ASP A 10 -4.62 -18.41 -9.14
C ASP A 10 -5.16 -18.19 -7.73
N TYR A 11 -4.53 -17.29 -6.99
CA TYR A 11 -5.00 -17.03 -5.64
C TYR A 11 -6.27 -16.21 -5.67
N ARG A 12 -6.41 -15.37 -6.69
CA ARG A 12 -7.62 -14.56 -6.81
C ARG A 12 -8.77 -15.52 -7.05
N LYS A 13 -8.58 -16.43 -8.00
CA LYS A 13 -9.60 -17.41 -8.31
C LYS A 13 -10.04 -18.15 -7.06
N LEU A 14 -9.06 -18.64 -6.30
CA LEU A 14 -9.36 -19.37 -5.08
C LEU A 14 -10.10 -18.46 -4.07
N ALA A 15 -9.66 -17.21 -3.97
CA ALA A 15 -10.28 -16.27 -3.04
C ALA A 15 -11.74 -16.00 -3.40
N GLN A 16 -12.04 -15.90 -4.70
CA GLN A 16 -13.42 -15.64 -5.13
C GLN A 16 -14.33 -16.82 -4.82
N LYS A 17 -13.76 -18.02 -4.75
CA LYS A 17 -14.55 -19.21 -4.44
C LYS A 17 -14.83 -19.30 -2.95
N ARG A 18 -13.93 -18.76 -2.14
CA ARG A 18 -14.11 -18.83 -0.69
C ARG A 18 -14.76 -17.62 -0.04
N LEU A 19 -14.68 -16.47 -0.68
CA LEU A 19 -15.28 -15.27 -0.08
C LEU A 19 -16.75 -15.07 -0.41
N PRO A 20 -17.49 -14.44 0.50
CA PRO A 20 -18.90 -14.19 0.23
C PRO A 20 -18.84 -13.17 -0.90
N LYS A 21 -19.70 -13.27 -1.90
CA LYS A 21 -19.69 -12.31 -3.00
C LYS A 21 -19.48 -10.88 -2.51
N MET A 22 -20.30 -10.46 -1.55
CA MET A 22 -20.23 -9.11 -1.01
C MET A 22 -18.81 -8.71 -0.61
N VAL A 23 -18.12 -9.57 0.12
CA VAL A 23 -16.76 -9.29 0.55
C VAL A 23 -15.81 -9.29 -0.64
N TYR A 24 -15.98 -10.27 -1.54
CA TYR A 24 -15.14 -10.33 -2.72
C TYR A 24 -15.24 -9.03 -3.52
N ASP A 25 -16.47 -8.55 -3.72
CA ASP A 25 -16.68 -7.32 -4.47
C ASP A 25 -16.04 -6.14 -3.75
N TYR A 26 -16.11 -6.12 -2.42
CA TYR A 26 -15.49 -5.04 -1.67
C TYR A 26 -13.98 -5.04 -1.97
N LEU A 27 -13.38 -6.22 -2.01
CA LEU A 27 -11.96 -6.38 -2.27
C LEU A 27 -11.53 -6.09 -3.71
N GLU A 28 -12.21 -6.72 -4.67
CA GLU A 28 -11.86 -6.59 -6.08
C GLU A 28 -12.37 -5.35 -6.78
N GLY A 29 -13.51 -4.83 -6.32
CA GLY A 29 -14.12 -3.68 -6.95
C GLY A 29 -13.31 -2.41 -7.09
N GLY A 30 -13.74 -1.59 -8.04
CA GLY A 30 -13.10 -0.32 -8.32
C GLY A 30 -14.15 0.78 -8.49
N ALA A 31 -13.70 1.98 -8.84
CA ALA A 31 -14.60 3.11 -9.02
C ALA A 31 -15.36 3.07 -10.35
N GLU A 32 -16.60 3.54 -10.30
CA GLU A 32 -17.49 3.60 -11.46
C GLU A 32 -17.39 2.46 -12.47
N ASP A 33 -17.00 2.78 -13.70
CA ASP A 33 -16.92 1.77 -14.75
C ASP A 33 -15.79 0.77 -14.56
N GLU A 34 -14.83 1.11 -13.71
CA GLU A 34 -13.69 0.27 -13.43
C GLU A 34 -12.75 0.23 -14.63
N TYR A 35 -12.66 1.33 -15.37
CA TYR A 35 -11.74 1.41 -16.50
C TYR A 35 -10.37 1.65 -15.86
N GLY A 36 -10.39 2.25 -14.67
CA GLY A 36 -9.16 2.54 -13.95
C GLY A 36 -8.34 1.31 -13.62
N VAL A 37 -8.95 0.31 -12.99
CA VAL A 37 -8.24 -0.91 -12.63
C VAL A 37 -7.72 -1.64 -13.87
N LYS A 38 -8.51 -1.64 -14.94
CA LYS A 38 -8.08 -2.29 -16.17
C LYS A 38 -6.84 -1.56 -16.67
N HIS A 39 -6.90 -0.23 -16.63
CA HIS A 39 -5.79 0.60 -17.07
C HIS A 39 -4.51 0.34 -16.24
N ASN A 40 -4.68 0.18 -14.94
CA ASN A 40 -3.55 -0.09 -14.04
C ASN A 40 -2.79 -1.34 -14.48
N ARG A 41 -3.54 -2.30 -15.02
CA ARG A 41 -2.97 -3.55 -15.51
C ARG A 41 -2.35 -3.38 -16.90
N ASP A 42 -3.12 -2.80 -17.83
CA ASP A 42 -2.68 -2.59 -19.22
C ASP A 42 -1.41 -1.75 -19.38
N VAL A 43 -1.26 -0.73 -18.55
CA VAL A 43 -0.09 0.16 -18.64
C VAL A 43 1.24 -0.58 -18.63
N PHE A 44 1.28 -1.76 -18.02
CA PHE A 44 2.53 -2.53 -17.95
C PHE A 44 2.98 -3.10 -19.30
N GLN A 45 2.04 -3.20 -20.26
CA GLN A 45 2.39 -3.71 -21.56
C GLN A 45 3.06 -2.64 -22.42
N GLN A 46 3.10 -1.41 -21.91
CA GLN A 46 3.75 -0.32 -22.63
C GLN A 46 5.27 -0.47 -22.56
N TRP A 47 5.72 -1.47 -21.82
CA TRP A 47 7.14 -1.73 -21.66
C TRP A 47 7.47 -3.20 -21.83
N ARG A 48 8.57 -3.48 -22.52
CA ARG A 48 9.02 -4.83 -22.73
C ARG A 48 10.51 -4.89 -22.42
N PHE A 49 10.99 -6.10 -22.13
CA PHE A 49 12.39 -6.30 -21.77
C PHE A 49 13.38 -6.52 -22.92
N LYS A 50 14.59 -6.05 -22.67
CA LYS A 50 15.73 -6.19 -23.58
C LYS A 50 16.82 -6.74 -22.69
N PRO A 51 16.82 -8.06 -22.47
CA PRO A 51 17.79 -8.77 -21.64
C PRO A 51 19.23 -8.54 -22.07
N LYS A 52 20.14 -8.59 -21.10
CA LYS A 52 21.56 -8.42 -21.37
C LYS A 52 22.13 -9.83 -21.25
N ARG A 53 22.51 -10.42 -22.38
CA ARG A 53 23.04 -11.78 -22.39
C ARG A 53 24.49 -11.94 -21.95
N LEU A 54 24.88 -13.20 -21.76
CA LEU A 54 26.22 -13.57 -21.33
C LEU A 54 26.71 -12.77 -20.12
N VAL A 55 25.79 -12.58 -19.18
CA VAL A 55 26.08 -11.90 -17.92
C VAL A 55 26.02 -13.00 -16.88
N ASP A 56 26.96 -13.00 -15.94
CA ASP A 56 26.97 -14.03 -14.92
C ASP A 56 25.87 -13.75 -13.90
N VAL A 57 24.84 -14.58 -13.94
CA VAL A 57 23.72 -14.42 -13.02
C VAL A 57 23.62 -15.64 -12.11
N SER A 58 24.73 -16.33 -11.91
CA SER A 58 24.74 -17.51 -11.06
C SER A 58 24.52 -17.13 -9.60
N ARG A 59 24.82 -15.88 -9.26
CA ARG A 59 24.63 -15.39 -7.89
C ARG A 59 23.81 -14.11 -7.94
N ARG A 60 22.54 -14.21 -7.56
CA ARG A 60 21.64 -13.06 -7.59
C ARG A 60 21.30 -12.50 -6.21
N SER A 61 20.95 -11.23 -6.17
CA SER A 61 20.60 -10.57 -4.91
C SER A 61 19.40 -9.64 -5.05
N LEU A 62 18.37 -9.88 -4.25
CA LEU A 62 17.15 -9.07 -4.26
C LEU A 62 17.15 -8.07 -3.10
N GLN A 63 18.12 -8.19 -2.21
CA GLN A 63 18.24 -7.28 -1.08
C GLN A 63 18.29 -5.84 -1.59
N ALA A 64 17.75 -4.92 -0.79
CA ALA A 64 17.76 -3.53 -1.18
C ALA A 64 17.36 -2.63 -0.03
N GLU A 65 17.89 -1.42 -0.04
CA GLU A 65 17.56 -0.47 0.99
C GLU A 65 16.31 0.29 0.59
N VAL A 66 15.45 0.52 1.58
CA VAL A 66 14.22 1.26 1.38
C VAL A 66 14.30 2.35 2.45
N LEU A 67 14.41 3.60 2.02
CA LEU A 67 14.55 4.72 2.94
C LEU A 67 15.78 4.53 3.84
N GLY A 68 16.81 3.87 3.30
CA GLY A 68 18.02 3.65 4.07
C GLY A 68 18.12 2.34 4.84
N LYS A 69 16.99 1.68 5.07
CA LYS A 69 16.99 0.43 5.81
C LYS A 69 16.93 -0.75 4.85
N ARG A 70 17.83 -1.72 5.04
CA ARG A 70 17.84 -2.88 4.16
C ARG A 70 16.72 -3.87 4.48
N GLN A 71 16.18 -4.48 3.44
CA GLN A 71 15.13 -5.48 3.59
C GLN A 71 15.35 -6.54 2.52
N SER A 72 14.80 -7.73 2.71
CA SER A 72 15.00 -8.84 1.78
C SER A 72 14.72 -8.54 0.31
N MET A 73 13.75 -7.69 0.05
CA MET A 73 13.41 -7.34 -1.33
C MET A 73 12.62 -6.04 -1.36
N PRO A 74 12.65 -5.35 -2.51
CA PRO A 74 11.94 -4.08 -2.69
C PRO A 74 10.42 -4.21 -2.74
N LEU A 75 9.82 -4.85 -1.73
CA LEU A 75 8.37 -5.01 -1.66
C LEU A 75 7.86 -4.71 -0.27
N LEU A 76 6.62 -4.37 -0.18
CA LEU A 76 5.92 -4.13 1.07
C LEU A 76 4.45 -4.49 0.95
N ILE A 77 3.86 -4.90 2.04
CA ILE A 77 2.43 -5.16 2.04
C ILE A 77 1.86 -3.82 2.45
N GLY A 78 1.21 -3.18 1.50
CA GLY A 78 0.62 -1.84 1.71
C GLY A 78 -0.57 -1.86 2.66
N PRO A 79 -1.00 -0.64 3.06
CA PRO A 79 -2.17 -0.47 3.94
C PRO A 79 -3.53 -0.72 3.28
N THR A 80 -4.29 -1.67 3.83
CA THR A 80 -5.61 -1.99 3.33
C THR A 80 -6.57 -2.13 4.50
N ALA A 81 -7.73 -1.50 4.38
CA ALA A 81 -8.75 -1.53 5.42
C ALA A 81 -9.62 -2.78 5.44
N LEU A 82 -10.05 -3.15 6.64
CA LEU A 82 -10.94 -4.28 6.89
C LEU A 82 -10.40 -5.65 6.51
N ASN A 83 -9.11 -5.88 6.77
CA ASN A 83 -8.49 -7.16 6.45
C ASN A 83 -9.15 -8.28 7.25
N GLY A 84 -9.75 -7.91 8.38
CA GLY A 84 -10.40 -8.89 9.23
C GLY A 84 -11.63 -9.50 8.57
N ALA A 85 -12.12 -8.82 7.54
CA ALA A 85 -13.28 -9.31 6.82
C ALA A 85 -12.87 -10.37 5.80
N LEU A 86 -11.60 -10.35 5.41
CA LEU A 86 -11.10 -11.33 4.45
C LEU A 86 -10.72 -12.64 5.11
N TRP A 87 -10.24 -12.54 6.34
CA TRP A 87 -9.79 -13.71 7.08
C TRP A 87 -9.61 -13.30 8.54
N PRO A 88 -9.90 -14.22 9.49
CA PRO A 88 -9.76 -13.89 10.91
C PRO A 88 -8.37 -13.34 11.24
N LYS A 89 -8.33 -12.27 12.05
CA LYS A 89 -7.08 -11.62 12.43
C LYS A 89 -6.23 -11.39 11.18
N GLY A 90 -6.89 -11.00 10.10
CA GLY A 90 -6.21 -10.74 8.84
C GLY A 90 -5.01 -9.82 8.96
N ASP A 91 -5.17 -8.73 9.70
CA ASP A 91 -4.08 -7.79 9.89
C ASP A 91 -2.84 -8.47 10.43
N LEU A 92 -2.99 -9.28 11.46
CA LEU A 92 -1.86 -9.98 12.06
C LEU A 92 -1.26 -10.99 11.08
N ALA A 93 -2.11 -11.77 10.41
CA ALA A 93 -1.64 -12.77 9.45
C ALA A 93 -0.75 -12.12 8.38
N LEU A 94 -1.11 -10.89 7.97
CA LEU A 94 -0.36 -10.17 6.96
C LEU A 94 0.99 -9.71 7.51
N ALA A 95 0.97 -9.03 8.66
CA ALA A 95 2.18 -8.54 9.29
C ALA A 95 3.18 -9.67 9.55
N ARG A 96 2.69 -10.83 9.98
CA ARG A 96 3.58 -11.96 10.24
C ARG A 96 4.23 -12.55 8.99
N ALA A 97 3.48 -12.60 7.90
CA ALA A 97 4.02 -13.13 6.65
C ALA A 97 5.03 -12.13 6.10
N ALA A 98 4.73 -10.84 6.27
CA ALA A 98 5.62 -9.80 5.81
C ALA A 98 6.92 -9.92 6.59
N THR A 99 6.82 -9.94 7.91
CA THR A 99 7.99 -10.06 8.77
C THR A 99 8.80 -11.30 8.45
N LYS A 100 8.12 -12.41 8.18
CA LYS A 100 8.79 -13.66 7.82
C LYS A 100 9.50 -13.53 6.47
N ALA A 101 8.94 -12.70 5.59
CA ALA A 101 9.55 -12.52 4.27
C ALA A 101 10.67 -11.48 4.33
N GLY A 102 10.78 -10.77 5.46
CA GLY A 102 11.82 -9.78 5.61
C GLY A 102 11.49 -8.42 5.04
N ILE A 103 10.20 -8.12 4.89
CA ILE A 103 9.78 -6.83 4.37
C ILE A 103 8.78 -6.17 5.30
N PRO A 104 8.64 -4.84 5.22
CA PRO A 104 7.69 -4.08 6.06
C PRO A 104 6.22 -4.41 5.83
N PHE A 105 5.40 -3.97 6.78
CA PHE A 105 3.96 -4.14 6.72
C PHE A 105 3.36 -2.81 7.14
N VAL A 106 2.33 -2.35 6.43
CA VAL A 106 1.71 -1.09 6.76
C VAL A 106 0.31 -1.29 7.30
N LEU A 107 0.09 -0.85 8.54
CA LEU A 107 -1.21 -0.97 9.18
C LEU A 107 -2.09 0.23 8.84
N SER A 108 -3.27 -0.06 8.33
CA SER A 108 -4.24 0.96 7.94
C SER A 108 -4.89 1.61 9.16
N THR A 109 -5.24 2.88 9.04
CA THR A 109 -5.91 3.58 10.12
C THR A 109 -7.23 2.87 10.40
N ALA A 110 -7.76 2.25 9.34
CA ALA A 110 -9.02 1.53 9.43
C ALA A 110 -8.82 0.02 9.56
N SER A 111 -7.82 -0.39 10.32
CA SER A 111 -7.56 -1.82 10.51
C SER A 111 -8.50 -2.41 11.56
N ASN A 112 -8.61 -3.73 11.59
CA ASN A 112 -9.47 -4.40 12.55
C ASN A 112 -8.69 -4.76 13.82
N MET A 113 -7.39 -4.49 13.80
CA MET A 113 -6.53 -4.74 14.95
C MET A 113 -5.84 -3.43 15.24
N SER A 114 -5.91 -2.98 16.49
CA SER A 114 -5.32 -1.70 16.89
C SER A 114 -3.80 -1.64 16.77
N ILE A 115 -3.31 -0.41 16.63
CA ILE A 115 -1.89 -0.12 16.52
C ILE A 115 -1.08 -0.83 17.60
N GLU A 116 -1.56 -0.77 18.84
CA GLU A 116 -0.86 -1.37 19.96
C GLU A 116 -0.84 -2.88 19.96
N ASP A 117 -2.00 -3.50 19.77
CA ASP A 117 -2.06 -4.95 19.78
C ASP A 117 -1.14 -5.60 18.76
N LEU A 118 -1.08 -5.04 17.56
CA LEU A 118 -0.23 -5.59 16.52
C LEU A 118 1.24 -5.50 16.92
N ALA A 119 1.65 -4.31 17.35
CA ALA A 119 3.01 -4.04 17.76
C ALA A 119 3.43 -4.99 18.88
N ARG A 120 2.47 -5.40 19.69
CA ARG A 120 2.71 -6.29 20.80
C ARG A 120 2.81 -7.74 20.34
N GLN A 121 2.12 -8.05 19.25
CA GLN A 121 2.13 -9.42 18.73
C GLN A 121 3.03 -9.63 17.52
N CYS A 122 3.69 -8.57 17.06
CA CYS A 122 4.56 -8.68 15.89
C CYS A 122 5.78 -7.75 16.01
N ASP A 123 6.97 -8.31 15.79
CA ASP A 123 8.21 -7.53 15.91
C ASP A 123 8.88 -7.18 14.59
N GLY A 124 8.16 -7.29 13.47
CA GLY A 124 8.77 -6.94 12.21
C GLY A 124 8.79 -5.43 12.06
N ASP A 125 9.13 -4.94 10.88
CA ASP A 125 9.15 -3.50 10.66
C ASP A 125 7.72 -3.05 10.37
N LEU A 126 7.12 -2.37 11.33
CA LEU A 126 5.75 -1.91 11.16
C LEU A 126 5.64 -0.45 10.78
N TRP A 127 4.85 -0.18 9.76
CA TRP A 127 4.63 1.18 9.28
C TRP A 127 3.16 1.48 9.54
N PHE A 128 2.84 2.74 9.80
CA PHE A 128 1.46 3.12 10.05
C PHE A 128 0.93 4.11 9.02
N GLN A 129 -0.15 3.72 8.36
CA GLN A 129 -0.79 4.57 7.35
C GLN A 129 -1.83 5.37 8.13
N LEU A 130 -1.91 6.65 7.83
CA LEU A 130 -2.83 7.53 8.53
C LEU A 130 -3.84 8.29 7.68
N TYR A 131 -5.11 8.25 8.11
CA TYR A 131 -6.18 8.99 7.47
C TYR A 131 -6.53 10.04 8.53
N VAL A 132 -6.89 11.25 8.11
CA VAL A 132 -7.26 12.27 9.08
C VAL A 132 -8.74 12.59 9.04
N ILE A 133 -9.47 12.11 10.04
CA ILE A 133 -10.90 12.39 10.13
C ILE A 133 -11.00 13.64 10.99
N HIS A 134 -10.35 13.59 12.14
CA HIS A 134 -10.30 14.68 13.12
C HIS A 134 -8.86 14.90 13.54
N ARG A 135 -8.36 16.09 13.27
CA ARG A 135 -6.97 16.47 13.57
C ARG A 135 -6.53 15.96 14.97
N GLU A 136 -7.35 16.23 15.97
CA GLU A 136 -7.05 15.84 17.36
C GLU A 136 -6.90 14.32 17.50
N ILE A 137 -7.83 13.59 16.91
CA ILE A 137 -7.79 12.12 16.97
C ILE A 137 -6.61 11.62 16.15
N ALA A 138 -6.27 12.36 15.13
CA ALA A 138 -5.15 12.01 14.27
C ALA A 138 -3.85 12.04 15.08
N GLN A 139 -3.70 13.10 15.85
CA GLN A 139 -2.49 13.28 16.67
C GLN A 139 -2.36 12.15 17.70
N GLY A 140 -3.48 11.64 18.14
CA GLY A 140 -3.50 10.56 19.13
C GLY A 140 -2.94 9.25 18.55
N MET A 141 -3.41 8.92 17.36
CA MET A 141 -2.97 7.69 16.72
C MET A 141 -1.49 7.77 16.34
N VAL A 142 -1.09 8.93 15.83
CA VAL A 142 0.31 9.13 15.44
C VAL A 142 1.22 8.89 16.64
N LEU A 143 0.85 9.45 17.77
CA LEU A 143 1.65 9.31 19.00
C LEU A 143 1.63 7.85 19.48
N LYS A 144 0.51 7.17 19.32
CA LYS A 144 0.40 5.78 19.73
C LYS A 144 1.39 4.96 18.90
N ALA A 145 1.31 5.14 17.59
CA ALA A 145 2.19 4.43 16.66
C ALA A 145 3.64 4.76 16.99
N LEU A 146 3.88 5.99 17.42
CA LEU A 146 5.23 6.44 17.76
C LEU A 146 5.74 5.71 19.00
N HIS A 147 4.94 5.73 20.05
CA HIS A 147 5.33 5.10 21.32
C HIS A 147 5.40 3.57 21.21
N THR A 148 4.72 2.99 20.24
CA THR A 148 4.71 1.52 20.11
C THR A 148 5.79 0.98 19.17
N GLY A 149 6.63 1.87 18.65
CA GLY A 149 7.76 1.42 17.81
C GLY A 149 7.58 1.45 16.28
N TYR A 150 6.47 1.95 15.77
CA TYR A 150 6.30 2.00 14.31
C TYR A 150 7.40 2.92 13.75
N THR A 151 8.16 2.39 12.82
CA THR A 151 9.30 3.13 12.24
C THR A 151 8.91 4.18 11.20
N THR A 152 7.82 3.97 10.48
CA THR A 152 7.44 4.93 9.43
C THR A 152 5.96 5.29 9.42
N LEU A 153 5.70 6.54 9.08
CA LEU A 153 4.32 7.07 9.02
C LEU A 153 3.98 7.39 7.56
N VAL A 154 2.79 6.98 7.15
CA VAL A 154 2.33 7.22 5.78
C VAL A 154 0.98 7.93 5.76
N LEU A 155 0.99 9.13 5.19
CA LEU A 155 -0.22 9.95 5.08
C LEU A 155 -0.87 9.69 3.72
N THR A 156 -2.06 9.12 3.76
CA THR A 156 -2.82 8.83 2.54
C THR A 156 -3.70 10.04 2.24
N THR A 157 -3.52 10.59 1.06
CA THR A 157 -4.23 11.81 0.67
C THR A 157 -5.25 11.69 -0.46
N ASP A 158 -5.48 10.50 -0.98
CA ASP A 158 -6.44 10.40 -2.11
C ASP A 158 -7.85 9.95 -1.69
N VAL A 159 -8.24 10.26 -0.48
CA VAL A 159 -9.58 9.91 -0.02
C VAL A 159 -10.27 11.11 0.65
N ALA A 160 -10.14 12.27 0.00
CA ALA A 160 -10.79 13.49 0.48
C ALA A 160 -12.25 13.13 0.70
N VAL A 161 -12.81 12.48 -0.31
CA VAL A 161 -14.18 11.97 -0.27
C VAL A 161 -14.08 10.53 -0.71
N ASN A 162 -15.07 9.75 -0.41
CA ASN A 162 -15.05 8.31 -0.75
C ASN A 162 -15.36 8.08 -2.24
N GLY A 163 -14.61 7.16 -2.82
CA GLY A 163 -14.78 6.81 -4.24
C GLY A 163 -16.14 6.16 -4.46
N TYR A 164 -16.73 6.48 -5.58
CA TYR A 164 -18.03 5.93 -5.97
C TYR A 164 -17.82 4.50 -6.50
N ARG A 165 -17.91 3.54 -5.59
CA ARG A 165 -17.70 2.12 -5.92
C ARG A 165 -19.07 1.44 -6.02
N GLU A 166 -19.57 1.38 -7.24
CA GLU A 166 -20.90 0.84 -7.55
C GLU A 166 -21.14 -0.61 -7.11
N ARG A 167 -20.10 -1.42 -6.99
CA ARG A 167 -20.29 -2.81 -6.54
C ARG A 167 -20.83 -2.79 -5.11
N ASP A 168 -20.24 -1.96 -4.27
CA ASP A 168 -20.68 -1.85 -2.88
C ASP A 168 -22.10 -1.30 -2.83
N LEU A 169 -22.39 -0.37 -3.73
CA LEU A 169 -23.73 0.26 -3.79
C LEU A 169 -24.79 -0.80 -4.12
N HIS A 170 -24.55 -1.61 -5.13
CA HIS A 170 -25.50 -2.66 -5.52
C HIS A 170 -25.68 -3.64 -4.37
N ASN A 171 -24.57 -4.05 -3.78
CA ASN A 171 -24.58 -5.02 -2.68
C ASN A 171 -24.97 -4.39 -1.33
N ARG A 172 -25.09 -3.07 -1.30
CA ARG A 172 -25.42 -2.37 -0.05
C ARG A 172 -24.41 -2.83 1.01
N PHE A 173 -23.17 -2.95 0.58
CA PHE A 173 -22.08 -3.40 1.46
C PHE A 173 -22.17 -2.75 2.84
N LYS A 174 -21.89 -3.56 3.84
CA LYS A 174 -21.91 -3.14 5.24
C LYS A 174 -20.80 -3.86 5.98
N ILE A 175 -20.03 -3.12 6.75
CA ILE A 175 -18.92 -3.70 7.52
C ILE A 175 -19.43 -4.86 8.35
N PRO A 176 -18.87 -6.08 8.21
CA PRO A 176 -19.32 -7.19 9.01
C PRO A 176 -19.53 -6.83 10.46
N PRO A 177 -20.58 -7.41 11.08
CA PRO A 177 -21.00 -7.07 12.44
C PRO A 177 -19.90 -7.34 13.45
N PHE A 178 -19.25 -8.49 13.32
CA PHE A 178 -18.21 -8.90 14.27
C PHE A 178 -16.90 -8.10 14.10
N LEU A 179 -16.85 -7.23 13.11
CA LEU A 179 -15.63 -6.42 12.87
C LEU A 179 -15.85 -4.97 13.33
N THR A 180 -14.76 -4.36 13.78
CA THR A 180 -14.81 -2.97 14.26
C THR A 180 -13.52 -2.23 13.86
N LEU A 181 -13.64 -0.91 13.82
CA LEU A 181 -12.52 -0.01 13.50
C LEU A 181 -11.78 0.26 14.81
N LYS A 182 -11.17 -0.67 15.17
CA LYS A 182 -10.43 -0.83 16.38
C LYS A 182 -9.55 0.41 16.75
N ASN A 183 -8.86 1.06 15.79
CA ASN A 183 -8.04 2.25 16.09
C ASN A 183 -8.91 3.45 16.57
N PHE A 184 -10.22 3.33 16.40
CA PHE A 184 -11.13 4.40 16.81
C PHE A 184 -11.87 4.02 18.11
N GLU A 185 -11.91 2.73 18.39
CA GLU A 185 -12.57 2.24 19.60
C GLU A 185 -11.93 2.90 20.82
N GLY A 186 -12.74 3.16 21.82
CA GLY A 186 -12.27 3.75 23.07
C GLY A 186 -12.25 5.29 23.07
N ILE A 187 -12.17 5.89 21.88
CA ILE A 187 -12.14 7.36 21.77
C ILE A 187 -13.29 7.97 22.58
N ASP A 188 -12.91 8.61 23.67
CA ASP A 188 -13.84 9.24 24.63
C ASP A 188 -15.06 9.88 23.93
N LEU A 189 -16.21 9.64 24.54
CA LEU A 189 -17.51 10.13 24.05
C LEU A 189 -18.29 10.72 25.22
N GLY A 190 -17.57 11.03 26.29
CA GLY A 190 -18.19 11.56 27.51
C GLY A 190 -18.20 13.09 27.61
N LYS A 191 -17.11 13.71 27.17
CA LYS A 191 -16.99 15.19 27.24
C LYS A 191 -18.25 15.84 26.65
N MET A 192 -18.70 16.89 27.32
CA MET A 192 -19.92 17.61 26.92
C MET A 192 -19.59 18.95 26.23
N ASP A 193 -18.33 19.36 26.31
CA ASP A 193 -17.92 20.69 25.78
C ASP A 193 -17.80 20.69 24.24
N LYS A 194 -17.01 21.67 23.76
CA LYS A 194 -16.73 21.95 22.33
C LYS A 194 -16.36 20.66 21.59
N ALA A 195 -15.07 20.48 21.37
CA ALA A 195 -14.58 19.26 20.75
C ALA A 195 -15.09 18.20 21.60
N ASN A 196 -14.64 17.11 21.50
CA ASN A 196 -15.28 16.12 22.28
C ASN A 196 -16.72 16.07 21.69
N LEU A 197 -17.35 16.81 20.93
CA LEU A 197 -18.78 16.76 20.47
C LEU A 197 -18.83 17.01 18.96
N GLU A 198 -17.79 17.90 18.57
CA GLU A 198 -17.61 18.13 17.14
C GLU A 198 -16.76 16.97 16.67
N MET A 199 -16.10 16.33 17.64
CA MET A 199 -15.26 15.18 17.38
C MET A 199 -16.16 14.00 17.08
N GLN A 200 -17.26 13.90 17.83
CA GLN A 200 -18.23 12.83 17.63
C GLN A 200 -18.83 13.03 16.25
N ALA A 201 -18.88 14.28 15.82
CA ALA A 201 -19.42 14.63 14.51
C ALA A 201 -18.55 13.97 13.45
N ALA A 202 -17.24 13.94 13.70
CA ALA A 202 -16.29 13.33 12.78
C ALA A 202 -16.30 11.81 12.95
N LEU A 203 -16.48 11.41 14.15
CA LEU A 203 -16.39 10.03 14.50
C LEU A 203 -17.68 9.28 13.92
N MET A 204 -18.90 9.90 14.01
CA MET A 204 -20.13 9.35 13.43
C MET A 204 -20.24 9.72 11.97
N SER A 205 -19.16 10.28 11.43
CA SER A 205 -19.10 10.69 10.04
C SER A 205 -18.02 9.87 9.33
N ARG A 206 -18.45 8.92 8.50
CA ARG A 206 -17.53 8.08 7.75
C ARG A 206 -16.86 8.90 6.65
N GLN A 207 -16.68 10.19 6.91
CA GLN A 207 -16.05 11.11 5.96
C GLN A 207 -14.85 11.81 6.59
N MET A 208 -13.79 11.94 5.81
CA MET A 208 -12.56 12.56 6.28
C MET A 208 -12.42 14.06 6.11
N ASP A 209 -11.37 14.59 6.74
CA ASP A 209 -11.07 16.00 6.70
C ASP A 209 -10.56 16.38 5.30
N ALA A 210 -11.48 16.85 4.48
CA ALA A 210 -11.16 17.24 3.11
C ALA A 210 -10.35 18.53 3.05
N SER A 211 -10.15 19.16 4.21
CA SER A 211 -9.42 20.41 4.26
C SER A 211 -7.92 20.21 4.46
N PHE A 212 -7.53 19.01 4.86
CA PHE A 212 -6.12 18.74 5.08
C PHE A 212 -5.28 19.15 3.88
N ASN A 213 -4.49 20.21 4.06
CA ASN A 213 -3.67 20.74 3.00
C ASN A 213 -2.17 20.75 3.34
N TRP A 214 -1.41 21.47 2.51
CA TRP A 214 0.04 21.55 2.68
C TRP A 214 0.41 22.09 4.04
N GLU A 215 -0.35 23.06 4.53
CA GLU A 215 -0.07 23.62 5.84
C GLU A 215 -0.22 22.49 6.87
N ALA A 216 -1.24 21.66 6.68
CA ALA A 216 -1.49 20.54 7.58
C ALA A 216 -0.37 19.50 7.51
N LEU A 217 0.24 19.37 6.34
CA LEU A 217 1.34 18.43 6.18
C LEU A 217 2.50 18.89 7.06
N ARG A 218 2.72 20.20 7.11
CA ARG A 218 3.79 20.79 7.94
C ARG A 218 3.53 20.43 9.40
N TRP A 219 2.28 20.59 9.82
CA TRP A 219 1.89 20.27 11.18
C TRP A 219 2.34 18.84 11.48
N LEU A 220 1.92 17.91 10.63
CA LEU A 220 2.25 16.50 10.78
C LEU A 220 3.75 16.23 10.74
N ARG A 221 4.46 16.95 9.89
CA ARG A 221 5.91 16.75 9.75
C ARG A 221 6.62 17.02 11.09
N ASP A 222 6.10 17.97 11.86
CA ASP A 222 6.69 18.30 13.15
C ASP A 222 6.38 17.24 14.19
N LEU A 223 5.13 16.79 14.18
CA LEU A 223 4.64 15.78 15.11
C LEU A 223 5.42 14.48 14.99
N TRP A 224 5.58 13.98 13.77
CA TRP A 224 6.31 12.74 13.55
C TRP A 224 7.80 13.00 13.35
N PRO A 225 8.65 12.38 14.19
CA PRO A 225 10.10 12.56 14.12
C PRO A 225 10.85 11.59 13.21
N HIS A 226 10.21 10.49 12.82
CA HIS A 226 10.87 9.50 11.97
C HIS A 226 10.56 9.67 10.47
N LYS A 227 10.76 8.60 9.71
CA LYS A 227 10.50 8.61 8.27
C LYS A 227 9.02 8.85 7.99
N LEU A 228 8.77 9.80 7.09
CA LEU A 228 7.41 10.19 6.71
C LEU A 228 7.19 10.18 5.20
N LEU A 229 6.15 9.47 4.76
CA LEU A 229 5.82 9.40 3.33
C LEU A 229 4.40 9.85 3.05
N VAL A 230 4.20 10.47 1.89
CA VAL A 230 2.89 10.93 1.45
C VAL A 230 2.45 9.97 0.34
N LYS A 231 1.27 9.38 0.52
CA LYS A 231 0.72 8.41 -0.42
C LYS A 231 -0.50 8.96 -1.14
N GLY A 232 -0.65 8.57 -2.41
CA GLY A 232 -1.78 9.03 -3.21
C GLY A 232 -1.42 10.04 -4.27
N LEU A 233 -0.12 10.27 -4.48
CA LEU A 233 0.32 11.24 -5.47
C LEU A 233 0.28 10.70 -6.89
N LEU A 234 -0.03 11.59 -7.83
CA LEU A 234 -0.11 11.23 -9.23
C LEU A 234 0.50 12.30 -10.14
N SER A 235 1.55 12.95 -9.64
CA SER A 235 2.24 13.97 -10.42
C SER A 235 3.62 14.28 -9.82
N ALA A 236 4.60 14.40 -10.70
CA ALA A 236 5.96 14.73 -10.28
C ALA A 236 5.93 16.04 -9.49
N GLU A 237 5.07 16.96 -9.91
CA GLU A 237 4.95 18.26 -9.23
C GLU A 237 4.55 18.09 -7.76
N ASP A 238 3.49 17.34 -7.50
CA ASP A 238 3.05 17.10 -6.13
C ASP A 238 4.09 16.35 -5.31
N ALA A 239 4.79 15.42 -5.94
CA ALA A 239 5.80 14.65 -5.25
C ALA A 239 6.95 15.57 -4.84
N ASP A 240 7.29 16.51 -5.72
CA ASP A 240 8.37 17.44 -5.47
C ASP A 240 8.02 18.38 -4.32
N ARG A 241 6.76 18.82 -4.28
CA ARG A 241 6.29 19.70 -3.23
C ARG A 241 6.37 18.97 -1.90
N CYS A 242 5.96 17.70 -1.89
CA CYS A 242 6.01 16.91 -0.67
C CYS A 242 7.42 16.87 -0.12
N ILE A 243 8.40 16.72 -1.00
CA ILE A 243 9.78 16.68 -0.55
C ILE A 243 10.17 18.05 0.00
N ALA A 244 9.71 19.10 -0.67
CA ALA A 244 10.03 20.46 -0.25
C ALA A 244 9.42 20.76 1.13
N GLU A 245 8.29 20.13 1.42
CA GLU A 245 7.60 20.34 2.67
C GLU A 245 8.08 19.45 3.81
N GLY A 246 9.07 18.61 3.54
CA GLY A 246 9.61 17.75 4.58
C GLY A 246 9.56 16.25 4.41
N ALA A 247 8.69 15.74 3.54
CA ALA A 247 8.57 14.30 3.34
C ALA A 247 9.91 13.65 3.02
N ASP A 248 10.10 12.43 3.47
CA ASP A 248 11.34 11.69 3.24
C ASP A 248 11.20 10.90 1.94
N GLY A 249 9.97 10.81 1.45
CA GLY A 249 9.71 10.08 0.23
C GLY A 249 8.22 10.12 -0.06
N VAL A 250 7.85 9.58 -1.21
CA VAL A 250 6.45 9.56 -1.60
C VAL A 250 6.04 8.22 -2.17
N ILE A 251 4.73 7.99 -2.20
CA ILE A 251 4.17 6.77 -2.77
C ILE A 251 3.20 7.15 -3.88
N LEU A 252 3.64 6.96 -5.12
CA LEU A 252 2.79 7.27 -6.26
C LEU A 252 1.72 6.19 -6.34
N SER A 253 0.46 6.60 -6.39
CA SER A 253 -0.60 5.61 -6.50
C SER A 253 -1.97 6.21 -6.77
N ASN A 254 -2.87 5.40 -7.31
CA ASN A 254 -4.26 5.83 -7.55
C ASN A 254 -5.18 4.95 -6.71
N HIS A 255 -4.67 4.51 -5.57
CA HIS A 255 -5.46 3.71 -4.64
C HIS A 255 -6.02 2.46 -5.28
N GLY A 256 -5.23 1.80 -6.11
CA GLY A 256 -5.69 0.59 -6.77
C GLY A 256 -6.96 0.81 -7.56
N GLY A 257 -7.05 1.96 -8.23
CA GLY A 257 -8.22 2.29 -9.04
C GLY A 257 -9.54 2.33 -8.30
N ARG A 258 -9.50 2.65 -7.01
CA ARG A 258 -10.71 2.66 -6.22
C ARG A 258 -11.26 4.05 -5.87
N GLN A 259 -10.53 5.09 -6.25
CA GLN A 259 -10.97 6.44 -5.93
C GLN A 259 -11.51 7.27 -7.08
N LEU A 260 -10.82 7.25 -8.21
CA LEU A 260 -11.21 8.01 -9.39
C LEU A 260 -10.92 7.13 -10.59
N ASP A 261 -11.97 6.64 -11.22
CA ASP A 261 -11.83 5.76 -12.37
C ASP A 261 -10.91 6.27 -13.49
N CYS A 262 -10.96 7.56 -13.80
CA CYS A 262 -10.14 8.08 -14.88
C CYS A 262 -8.74 8.59 -14.52
N ALA A 263 -8.30 8.29 -13.31
CA ALA A 263 -6.97 8.71 -12.86
C ALA A 263 -5.89 8.00 -13.69
N ILE A 264 -4.77 8.67 -13.91
CA ILE A 264 -3.68 8.06 -14.65
C ILE A 264 -3.13 6.95 -13.77
N SER A 265 -2.33 6.07 -14.35
CA SER A 265 -1.67 5.03 -13.58
C SER A 265 -0.42 5.74 -13.06
N PRO A 266 -0.02 5.45 -11.82
CA PRO A 266 1.19 6.13 -11.32
C PRO A 266 2.42 5.79 -12.16
N MET A 267 2.35 4.69 -12.91
CA MET A 267 3.48 4.29 -13.76
C MET A 267 3.75 5.38 -14.79
N GLU A 268 2.71 6.13 -15.12
CA GLU A 268 2.79 7.20 -16.11
C GLU A 268 3.62 8.40 -15.67
N VAL A 269 3.85 8.55 -14.37
CA VAL A 269 4.62 9.68 -13.88
C VAL A 269 5.78 9.25 -12.97
N LEU A 270 6.10 7.96 -12.98
CA LEU A 270 7.17 7.42 -12.14
C LEU A 270 8.56 7.93 -12.47
N ALA A 271 8.95 7.83 -13.74
CA ALA A 271 10.27 8.29 -14.16
C ALA A 271 10.45 9.77 -13.90
N GLN A 272 9.42 10.55 -14.24
CA GLN A 272 9.51 11.99 -14.06
C GLN A 272 9.59 12.37 -12.57
N SER A 273 8.84 11.66 -11.73
CA SER A 273 8.86 11.95 -10.29
C SER A 273 10.23 11.58 -9.72
N VAL A 274 10.79 10.50 -10.24
CA VAL A 274 12.09 10.05 -9.79
C VAL A 274 13.16 11.07 -10.16
N ALA A 275 13.06 11.60 -11.38
CA ALA A 275 14.03 12.57 -11.86
C ALA A 275 13.91 13.93 -11.17
N LYS A 276 12.70 14.33 -10.83
CA LYS A 276 12.50 15.61 -10.19
C LYS A 276 12.77 15.66 -8.71
N THR A 277 12.28 14.67 -7.97
CA THR A 277 12.44 14.67 -6.52
C THR A 277 13.84 14.36 -6.04
N GLY A 278 14.52 13.44 -6.70
CA GLY A 278 15.84 13.06 -6.26
C GLY A 278 15.73 12.36 -4.92
N LYS A 279 14.52 11.94 -4.58
CA LYS A 279 14.26 11.24 -3.32
C LYS A 279 13.50 9.95 -3.55
N PRO A 280 13.47 9.06 -2.55
CA PRO A 280 12.75 7.79 -2.68
C PRO A 280 11.32 7.94 -3.20
N VAL A 281 11.04 7.23 -4.30
CA VAL A 281 9.72 7.25 -4.91
C VAL A 281 9.21 5.82 -4.92
N LEU A 282 8.23 5.50 -4.07
CA LEU A 282 7.67 4.16 -4.02
C LEU A 282 6.38 4.19 -4.83
N ILE A 283 5.86 3.00 -5.14
CA ILE A 283 4.67 2.93 -5.97
C ILE A 283 3.82 1.69 -5.73
N ASP A 284 2.54 1.78 -6.10
CA ASP A 284 1.60 0.66 -6.03
C ASP A 284 0.49 0.92 -7.04
N SER A 285 -0.47 -0.01 -7.11
CA SER A 285 -1.63 0.08 -8.01
C SER A 285 -1.48 -0.70 -9.31
N GLY A 286 -1.99 -1.92 -9.34
CA GLY A 286 -1.92 -2.73 -10.54
C GLY A 286 -0.90 -3.86 -10.56
N PHE A 287 0.03 -3.86 -9.59
CA PHE A 287 1.05 -4.90 -9.56
C PHE A 287 0.52 -6.30 -9.25
N ARG A 288 0.85 -7.25 -10.13
CA ARG A 288 0.42 -8.64 -9.97
C ARG A 288 1.52 -9.64 -10.33
N ARG A 289 2.37 -9.28 -11.29
CA ARG A 289 3.47 -10.13 -11.75
C ARG A 289 4.82 -9.53 -11.37
N GLY A 290 5.82 -10.41 -11.21
CA GLY A 290 7.15 -9.95 -10.89
C GLY A 290 7.65 -9.00 -11.96
N SER A 291 7.25 -9.23 -13.20
CA SER A 291 7.65 -8.39 -14.30
C SER A 291 7.12 -6.96 -14.15
N ASP A 292 5.92 -6.82 -13.60
CA ASP A 292 5.35 -5.49 -13.37
C ASP A 292 6.28 -4.77 -12.39
N ILE A 293 6.62 -5.48 -11.33
CA ILE A 293 7.50 -5.00 -10.26
C ILE A 293 8.89 -4.56 -10.76
N VAL A 294 9.50 -5.40 -11.59
CA VAL A 294 10.82 -5.09 -12.14
C VAL A 294 10.78 -3.88 -13.06
N LYS A 295 9.72 -3.77 -13.85
CA LYS A 295 9.59 -2.63 -14.75
C LYS A 295 9.57 -1.31 -13.97
N ALA A 296 8.82 -1.28 -12.87
CA ALA A 296 8.74 -0.08 -12.06
C ALA A 296 10.10 0.18 -11.41
N LEU A 297 10.74 -0.88 -10.95
CA LEU A 297 12.04 -0.77 -10.32
C LEU A 297 13.06 -0.27 -11.35
N ALA A 298 13.02 -0.83 -12.55
CA ALA A 298 13.93 -0.42 -13.62
C ALA A 298 13.72 1.06 -13.94
N LEU A 299 12.50 1.55 -13.71
CA LEU A 299 12.19 2.95 -13.97
C LEU A 299 12.59 3.89 -12.81
N GLY A 300 13.09 3.33 -11.72
CA GLY A 300 13.52 4.16 -10.61
C GLY A 300 12.77 4.02 -9.30
N ALA A 301 11.68 3.26 -9.29
CA ALA A 301 10.93 3.11 -8.06
C ALA A 301 11.84 2.50 -6.99
N GLU A 302 11.68 2.94 -5.75
CA GLU A 302 12.49 2.42 -4.65
C GLU A 302 11.97 1.06 -4.19
N ALA A 303 10.65 0.88 -4.25
CA ALA A 303 10.01 -0.36 -3.84
C ALA A 303 8.55 -0.32 -4.25
N VAL A 304 7.92 -1.49 -4.33
CA VAL A 304 6.53 -1.58 -4.72
C VAL A 304 5.69 -2.09 -3.54
N LEU A 305 4.56 -1.45 -3.30
CA LEU A 305 3.67 -1.87 -2.23
C LEU A 305 2.60 -2.76 -2.85
N LEU A 306 2.34 -3.91 -2.23
CA LEU A 306 1.33 -4.83 -2.73
C LEU A 306 0.01 -4.56 -2.03
N GLY A 307 -1.06 -4.54 -2.82
CA GLY A 307 -2.38 -4.32 -2.26
C GLY A 307 -3.22 -5.59 -2.37
N ARG A 308 -3.96 -5.71 -3.46
CA ARG A 308 -4.81 -6.89 -3.65
C ARG A 308 -4.04 -8.21 -3.76
N ALA A 309 -2.88 -8.18 -4.41
CA ALA A 309 -2.07 -9.38 -4.60
C ALA A 309 -1.96 -10.21 -3.32
N THR A 310 -1.36 -9.64 -2.28
CA THR A 310 -1.22 -10.36 -1.03
C THR A 310 -2.59 -10.63 -0.36
N LEU A 311 -3.56 -9.75 -0.59
CA LEU A 311 -4.88 -9.96 0.00
C LEU A 311 -5.55 -11.22 -0.55
N TYR A 312 -5.25 -11.57 -1.80
CA TYR A 312 -5.83 -12.77 -2.41
C TYR A 312 -5.31 -13.97 -1.65
N GLY A 313 -4.03 -13.90 -1.28
CA GLY A 313 -3.42 -14.99 -0.53
C GLY A 313 -4.04 -15.09 0.84
N LEU A 314 -4.34 -13.94 1.44
CA LEU A 314 -4.95 -13.90 2.76
C LEU A 314 -6.34 -14.51 2.70
N ALA A 315 -7.19 -13.99 1.81
CA ALA A 315 -8.55 -14.48 1.67
C ALA A 315 -8.62 -15.95 1.30
N ALA A 316 -7.73 -16.40 0.41
CA ALA A 316 -7.74 -17.79 0.00
C ALA A 316 -7.23 -18.74 1.09
N ARG A 317 -6.05 -18.47 1.64
CA ARG A 317 -5.48 -19.38 2.64
C ARG A 317 -4.87 -18.74 3.88
N GLY A 318 -5.42 -17.62 4.33
CA GLY A 318 -4.89 -16.95 5.50
C GLY A 318 -3.41 -16.67 5.47
N GLU A 319 -2.78 -16.68 6.64
CA GLU A 319 -1.36 -16.40 6.77
C GLU A 319 -0.49 -17.23 5.83
N THR A 320 -0.74 -18.54 5.78
CA THR A 320 0.04 -19.40 4.88
C THR A 320 -0.14 -18.94 3.44
N GLY A 321 -1.33 -18.42 3.13
CA GLY A 321 -1.60 -17.93 1.80
C GLY A 321 -0.71 -16.75 1.45
N VAL A 322 -0.58 -15.80 2.39
CA VAL A 322 0.28 -14.65 2.15
C VAL A 322 1.72 -15.11 1.96
N ASP A 323 2.20 -16.01 2.81
CA ASP A 323 3.57 -16.52 2.69
C ASP A 323 3.78 -17.01 1.27
N GLU A 324 2.83 -17.82 0.81
CA GLU A 324 2.87 -18.41 -0.51
C GLU A 324 2.98 -17.36 -1.61
N VAL A 325 2.13 -16.35 -1.54
CA VAL A 325 2.15 -15.28 -2.53
C VAL A 325 3.50 -14.57 -2.52
N LEU A 326 3.98 -14.27 -1.32
CA LEU A 326 5.28 -13.61 -1.19
C LEU A 326 6.39 -14.50 -1.73
N THR A 327 6.27 -15.81 -1.53
CA THR A 327 7.28 -16.74 -2.03
C THR A 327 7.27 -16.75 -3.55
N LEU A 328 6.09 -16.94 -4.14
CA LEU A 328 5.99 -16.96 -5.59
C LEU A 328 6.53 -15.67 -6.18
N LEU A 329 6.12 -14.53 -5.64
CA LEU A 329 6.58 -13.25 -6.17
C LEU A 329 8.10 -13.06 -6.05
N LYS A 330 8.68 -13.51 -4.95
CA LYS A 330 10.11 -13.39 -4.78
C LYS A 330 10.77 -14.26 -5.85
N ALA A 331 10.27 -15.48 -6.03
CA ALA A 331 10.83 -16.36 -7.03
C ALA A 331 10.61 -15.75 -8.41
N ASP A 332 9.45 -15.14 -8.60
CA ASP A 332 9.10 -14.49 -9.86
C ASP A 332 10.12 -13.37 -10.15
N ILE A 333 10.32 -12.47 -9.19
CA ILE A 333 11.28 -11.38 -9.35
C ILE A 333 12.67 -11.91 -9.65
N ASP A 334 13.16 -12.82 -8.81
CA ASP A 334 14.48 -13.43 -8.97
C ASP A 334 14.65 -14.01 -10.38
N ARG A 335 13.66 -14.78 -10.81
CA ARG A 335 13.68 -15.40 -12.12
C ARG A 335 13.75 -14.33 -13.23
N THR A 336 13.06 -13.23 -13.01
CA THR A 336 13.03 -12.16 -13.99
C THR A 336 14.39 -11.46 -14.06
N LEU A 337 14.98 -11.20 -12.89
CA LEU A 337 16.28 -10.55 -12.86
C LEU A 337 17.28 -11.40 -13.65
N ALA A 338 17.25 -12.70 -13.41
CA ALA A 338 18.15 -13.62 -14.09
C ALA A 338 17.96 -13.54 -15.60
N GLN A 339 16.70 -13.61 -16.02
CA GLN A 339 16.34 -13.57 -17.43
C GLN A 339 16.82 -12.31 -18.16
N ILE A 340 16.76 -11.16 -17.51
CA ILE A 340 17.20 -9.93 -18.16
C ILE A 340 18.69 -9.65 -17.97
N GLY A 341 19.38 -10.51 -17.22
CA GLY A 341 20.80 -10.33 -17.00
C GLY A 341 21.19 -9.25 -16.00
N CYS A 342 20.34 -9.02 -15.01
CA CYS A 342 20.63 -8.04 -13.97
C CYS A 342 20.60 -8.79 -12.63
N PRO A 343 21.71 -9.48 -12.31
CA PRO A 343 21.85 -10.27 -11.08
C PRO A 343 21.59 -9.52 -9.77
N ASP A 344 21.92 -8.24 -9.74
CA ASP A 344 21.70 -7.44 -8.54
C ASP A 344 20.53 -6.48 -8.79
N ILE A 345 19.47 -6.63 -8.00
CA ILE A 345 18.28 -5.81 -8.17
C ILE A 345 18.56 -4.31 -8.06
N THR A 346 19.62 -3.94 -7.37
CA THR A 346 19.94 -2.52 -7.22
C THR A 346 20.62 -1.95 -8.46
N SER A 347 20.84 -2.76 -9.47
CA SER A 347 21.48 -2.29 -10.70
C SER A 347 20.46 -2.06 -11.81
N LEU A 348 19.18 -2.26 -11.50
CA LEU A 348 18.16 -2.07 -12.50
C LEU A 348 18.16 -0.64 -13.04
N SER A 349 17.86 -0.48 -14.32
CA SER A 349 17.82 0.85 -14.94
C SER A 349 16.95 0.83 -16.19
N PRO A 350 16.67 2.00 -16.77
CA PRO A 350 15.83 2.05 -17.97
C PRO A 350 16.43 1.27 -19.15
N ASP A 351 17.71 0.94 -19.04
CA ASP A 351 18.41 0.17 -20.08
C ASP A 351 17.72 -1.12 -20.47
N TYR A 352 17.24 -1.86 -19.47
CA TYR A 352 16.59 -3.15 -19.74
C TYR A 352 15.17 -3.02 -20.26
N LEU A 353 14.71 -1.81 -20.53
CA LEU A 353 13.35 -1.65 -21.00
C LEU A 353 13.20 -1.16 -22.43
N GLN A 354 12.06 -1.48 -23.04
CA GLN A 354 11.76 -1.06 -24.39
C GLN A 354 10.33 -0.51 -24.42
N ASN A 355 10.20 0.76 -24.79
CA ASN A 355 8.89 1.40 -24.87
C ASN A 355 8.08 0.83 -26.02
N GLU A 356 6.92 0.27 -25.71
CA GLU A 356 6.07 -0.30 -26.74
C GLU A 356 4.93 0.67 -27.08
N1 FMN B . -4.94 2.56 1.20
C2 FMN B . -4.67 3.23 2.40
O2 FMN B . -3.81 4.02 2.49
N3 FMN B . -5.49 2.91 3.57
C4 FMN B . -6.57 1.96 3.59
O4 FMN B . -7.21 1.70 4.61
C4A FMN B . -6.84 1.24 2.29
N5 FMN B . -7.76 0.25 2.20
C5A FMN B . -7.88 -0.56 1.06
C6 FMN B . -8.78 -1.71 1.08
C7 FMN B . -8.86 -2.68 -0.03
C7M FMN B . -9.77 -3.85 0.10
C8 FMN B . -8.00 -2.42 -1.29
C8M FMN B . -8.01 -3.30 -2.51
C9 FMN B . -7.14 -1.27 -1.30
C9A FMN B . -7.01 -0.32 -0.17
N10 FMN B . -6.08 0.84 -0.05
C10 FMN B . -5.92 1.64 1.13
C1' FMN B . -5.19 1.11 -1.20
C2' FMN B . -3.89 0.30 -1.13
O2' FMN B . -3.02 0.82 -0.20
C3' FMN B . -3.13 0.27 -2.46
O3' FMN B . -2.95 1.65 -2.93
C4' FMN B . -3.82 -0.40 -3.64
O4' FMN B . -4.47 -1.61 -3.31
C5' FMN B . -2.79 -0.71 -4.70
O5' FMN B . -3.37 -1.43 -5.83
P FMN B . -3.48 -2.94 -6.13
O1P FMN B . -3.69 -3.15 -7.61
O2P FMN B . -4.61 -3.44 -5.30
O3P FMN B . -2.16 -3.47 -5.65
O1 MES C . -6.93 -19.16 10.38
C2 MES C . -7.96 -18.69 11.28
C3 MES C . -7.39 -17.73 12.37
N4 MES C . -6.29 -18.44 13.10
C5 MES C . -5.18 -18.83 12.12
C6 MES C . -5.78 -19.80 11.05
C7 MES C . -5.79 -17.52 14.15
C8 MES C . -4.66 -18.16 14.99
S MES C . -4.11 -17.01 16.24
O1S MES C . -2.90 -17.74 17.11
O2S MES C . -5.32 -16.63 17.16
O3S MES C . -3.55 -15.74 15.54
N1 3IL D . -13.97 2.73 6.79
C2 3IL D . -13.35 2.27 5.61
C3 3IL D . -12.22 3.04 5.25
C4 3IL D . -11.19 5.12 6.42
C5 3IL D . -11.36 5.98 7.54
C6 3IL D . -12.42 5.78 8.46
C7 3IL D . -13.35 4.70 8.29
C8 3IL D . -13.20 3.83 7.16
C9 3IL D . -12.11 4.03 6.22
C10 3IL D . -10.63 3.45 1.62
O11 3IL D . -9.42 3.16 1.68
O12 3IL D . -11.26 3.42 0.52
C13 3IL D . -11.37 3.86 2.91
O14 3IL D . -12.72 4.14 2.55
C15 3IL D . -11.35 2.76 4.01
#